data_4PP6
#
_entry.id   4PP6
#
_cell.length_a   56.040
_cell.length_b   84.670
_cell.length_c   58.420
_cell.angle_alpha   90.00
_cell.angle_beta   108.32
_cell.angle_gamma   90.00
#
_symmetry.space_group_name_H-M   'P 1 21 1'
#
loop_
_entity.id
_entity.type
_entity.pdbx_description
1 polymer 'Estrogen receptor'
2 polymer 'Nuclear receptor coactivator 2'
3 non-polymer RESVERATROL
4 water water
#
loop_
_entity_poly.entity_id
_entity_poly.type
_entity_poly.pdbx_seq_one_letter_code
_entity_poly.pdbx_strand_id
1 'polypeptide(L)'
;SLALSLTADQMVSALLDAEPPILYSEYDPTRPFSEASMMGLLTNLADRELVHMINWAKRVPGFVDLTLHDQVHLLECAWL
EILMIGLVWRSMEHPGKLLFAPNLLLDRNQGKCVEGMVEIFDMLLATSSRFRMMNLQGEEFVCLKSIILLNSGVYTFLSS
TLKSLEEKDHIHRVLDKITDTLIHLMAKAGLTLQQQHQRLAQLLLILSHIRHMSNKGMEHLYSMKCKNVVPLSDLLLEML
DAHR
;
A,B
2 'polypeptide(L)' KILHRLLQD C,D
#
# COMPACT_ATOMS: atom_id res chain seq x y z
N SER A 1 18.03 20.15 4.39
CA SER A 1 19.41 20.60 4.38
C SER A 1 20.30 19.73 5.26
N LEU A 2 20.39 20.08 6.54
CA LEU A 2 21.19 19.32 7.51
C LEU A 2 20.86 17.83 7.51
N ALA A 3 19.68 17.50 7.02
CA ALA A 3 19.22 16.12 6.95
C ALA A 3 20.00 15.33 5.92
N LEU A 4 20.21 15.94 4.75
CA LEU A 4 20.88 15.28 3.64
C LEU A 4 22.37 15.05 3.89
N SER A 5 22.88 15.66 4.97
CA SER A 5 24.30 15.56 5.32
C SER A 5 24.57 14.48 6.36
N LEU A 6 23.50 13.92 6.92
CA LEU A 6 23.62 12.88 7.94
C LEU A 6 24.25 11.62 7.36
N THR A 7 25.20 11.04 8.09
CA THR A 7 25.69 9.71 7.76
C THR A 7 24.52 8.76 7.94
N ALA A 8 24.71 7.52 7.53
CA ALA A 8 23.72 6.49 7.77
C ALA A 8 23.54 6.26 9.28
N ASP A 9 24.65 6.12 10.00
CA ASP A 9 24.60 5.91 11.45
C ASP A 9 23.92 7.07 12.17
N GLN A 10 24.15 8.28 11.68
CA GLN A 10 23.54 9.47 12.25
C GLN A 10 22.04 9.48 11.98
N MET A 11 21.64 8.90 10.86
CA MET A 11 20.23 8.74 10.50
C MET A 11 19.61 7.80 11.53
N VAL A 12 20.15 6.59 11.62
CA VAL A 12 19.66 5.56 12.54
C VAL A 12 19.44 6.09 13.97
N SER A 13 20.47 6.68 14.56
CA SER A 13 20.37 7.13 15.94
C SER A 13 19.40 8.31 16.13
N ALA A 14 19.40 9.24 15.17
CA ALA A 14 18.39 10.30 15.17
C ALA A 14 16.97 9.72 15.24
N LEU A 15 16.74 8.63 14.52
CA LEU A 15 15.41 8.04 14.42
C LEU A 15 15.11 7.19 15.65
N LEU A 16 16.13 6.52 16.18
CA LEU A 16 15.97 5.73 17.39
C LEU A 16 15.68 6.65 18.57
N ASP A 17 16.42 7.77 18.62
CA ASP A 17 16.26 8.79 19.67
C ASP A 17 14.89 9.47 19.61
N ALA A 18 14.26 9.47 18.44
CA ALA A 18 12.97 10.13 18.24
C ALA A 18 11.79 9.27 18.69
N GLU A 19 12.05 8.00 18.95
CA GLU A 19 10.98 7.03 19.23
C GLU A 19 10.02 7.51 20.30
N PRO A 20 8.71 7.52 20.02
CA PRO A 20 7.73 7.79 21.07
C PRO A 20 7.74 6.70 22.12
N PRO A 21 7.22 7.00 23.32
CA PRO A 21 7.10 6.01 24.40
C PRO A 21 5.93 5.08 24.15
N ILE A 22 5.90 3.95 24.85
CA ILE A 22 4.73 3.10 24.82
C ILE A 22 3.72 3.59 25.88
N LEU A 23 2.55 4.02 25.42
CA LEU A 23 1.55 4.58 26.31
C LEU A 23 0.57 3.54 26.86
N TYR A 24 0.01 3.79 28.03
CA TYR A 24 -1.02 2.91 28.60
C TYR A 24 -2.45 3.23 28.10
N SER A 25 -3.31 2.22 28.10
CA SER A 25 -4.72 2.43 27.78
C SER A 25 -5.51 2.75 29.06
N GLU A 26 -6.77 3.13 28.93
CA GLU A 26 -7.61 3.30 30.11
C GLU A 26 -8.25 2.00 30.61
N TYR A 27 -7.75 0.85 30.16
CA TYR A 27 -8.43 -0.41 30.43
C TYR A 27 -8.86 -0.55 31.89
N ASP A 28 -10.15 -0.79 32.11
CA ASP A 28 -10.70 -1.07 33.44
C ASP A 28 -11.13 -2.54 33.58
N PRO A 29 -10.31 -3.36 34.27
CA PRO A 29 -10.54 -4.79 34.42
C PRO A 29 -11.68 -5.16 35.37
N THR A 30 -12.39 -4.19 35.94
CA THR A 30 -13.47 -4.50 36.87
C THR A 30 -14.78 -4.69 36.12
N ARG A 31 -14.79 -4.27 34.86
CA ARG A 31 -15.98 -4.32 34.06
C ARG A 31 -15.73 -5.06 32.76
N PRO A 32 -16.77 -5.66 32.18
CA PRO A 32 -16.65 -6.40 30.92
C PRO A 32 -16.53 -5.42 29.77
N PHE A 33 -16.01 -5.90 28.64
CA PHE A 33 -15.99 -5.11 27.43
C PHE A 33 -17.38 -5.02 26.85
N SER A 34 -17.71 -3.88 26.27
CA SER A 34 -18.75 -3.80 25.26
C SER A 34 -18.11 -3.28 23.96
N GLU A 35 -18.85 -3.36 22.87
CA GLU A 35 -18.40 -2.76 21.61
C GLU A 35 -17.96 -1.32 21.88
N ALA A 36 -18.86 -0.55 22.48
CA ALA A 36 -18.63 0.84 22.84
C ALA A 36 -17.39 1.06 23.71
N SER A 37 -17.15 0.22 24.71
CA SER A 37 -16.03 0.47 25.62
C SER A 37 -14.68 0.03 25.04
N MET A 38 -14.68 -1.01 24.24
CA MET A 38 -13.45 -1.42 23.57
C MET A 38 -13.03 -0.40 22.50
N MET A 39 -14.01 0.14 21.77
CA MET A 39 -13.73 1.21 20.80
C MET A 39 -13.27 2.48 21.49
N GLY A 40 -13.86 2.80 22.64
CA GLY A 40 -13.42 3.94 23.43
C GLY A 40 -11.95 3.80 23.80
N LEU A 41 -11.59 2.61 24.28
CA LEU A 41 -10.21 2.31 24.63
C LEU A 41 -9.26 2.55 23.44
N LEU A 42 -9.58 2.01 22.28
CA LEU A 42 -8.70 2.17 21.12
C LEU A 42 -8.62 3.61 20.62
N THR A 43 -9.75 4.32 20.61
CA THR A 43 -9.75 5.71 20.15
C THR A 43 -9.09 6.66 21.15
N ASN A 44 -9.41 6.49 22.43
CA ASN A 44 -8.68 7.21 23.47
C ASN A 44 -7.16 7.01 23.33
N LEU A 45 -6.71 5.78 23.08
CA LEU A 45 -5.28 5.51 22.91
C LEU A 45 -4.71 6.22 21.68
N ALA A 46 -5.36 6.05 20.54
CA ALA A 46 -4.94 6.69 19.29
C ALA A 46 -4.78 8.21 19.44
N ASP A 47 -5.73 8.82 20.15
CA ASP A 47 -5.67 10.25 20.36
C ASP A 47 -4.38 10.63 21.10
N ARG A 48 -4.08 9.92 22.19
CA ARG A 48 -2.87 10.24 22.95
C ARG A 48 -1.59 9.97 22.15
N GLU A 49 -1.55 8.86 21.41
CA GLU A 49 -0.39 8.56 20.56
C GLU A 49 -0.16 9.64 19.50
N LEU A 50 -1.25 10.18 18.96
CA LEU A 50 -1.13 11.22 17.93
C LEU A 50 -0.27 12.40 18.40
N VAL A 51 -0.47 12.83 19.63
CA VAL A 51 0.30 13.96 20.15
C VAL A 51 1.79 13.63 20.16
N HIS A 52 2.13 12.38 20.50
CA HIS A 52 3.51 11.93 20.43
C HIS A 52 4.02 11.81 18.99
N MET A 53 3.13 11.36 18.10
CA MET A 53 3.50 11.17 16.70
C MET A 53 3.89 12.49 16.09
N ILE A 54 3.09 13.50 16.40
CA ILE A 54 3.26 14.83 15.85
C ILE A 54 4.64 15.37 16.24
N ASN A 55 5.04 15.08 17.47
CA ASN A 55 6.36 15.48 17.95
C ASN A 55 7.48 14.56 17.46
N TRP A 56 7.17 13.29 17.30
CA TRP A 56 8.07 12.40 16.59
C TRP A 56 8.37 12.94 15.18
N ALA A 57 7.32 13.23 14.40
CA ALA A 57 7.48 13.64 13.01
C ALA A 57 8.45 14.82 12.90
N LYS A 58 8.31 15.78 13.82
CA LYS A 58 9.16 16.96 13.84
C LYS A 58 10.64 16.61 14.05
N ARG A 59 10.91 15.39 14.51
CA ARG A 59 12.28 14.98 14.76
C ARG A 59 12.84 14.07 13.66
N VAL A 60 11.96 13.68 12.73
CA VAL A 60 12.36 12.93 11.54
C VAL A 60 13.11 13.84 10.55
N PRO A 61 14.38 13.52 10.26
CA PRO A 61 15.24 14.44 9.51
C PRO A 61 14.59 14.99 8.25
N GLY A 62 14.68 16.30 8.07
CA GLY A 62 14.14 16.93 6.88
C GLY A 62 12.65 17.22 6.92
N PHE A 63 11.95 16.73 7.95
CA PHE A 63 10.51 16.93 8.03
C PHE A 63 10.12 18.38 8.36
N VAL A 64 10.81 19.01 9.31
CA VAL A 64 10.44 20.37 9.66
C VAL A 64 10.83 21.34 8.55
N ASP A 65 11.70 20.88 7.65
CA ASP A 65 12.13 21.65 6.48
C ASP A 65 10.96 22.04 5.58
N LEU A 66 9.87 21.31 5.70
CA LEU A 66 8.72 21.50 4.82
C LEU A 66 7.78 22.58 5.39
N THR A 67 6.96 23.16 4.52
CA THR A 67 5.89 24.05 4.95
C THR A 67 4.97 23.39 5.98
N LEU A 68 4.28 24.21 6.76
CA LEU A 68 3.29 23.72 7.70
C LEU A 68 2.21 22.93 6.97
N HIS A 69 1.80 23.44 5.81
CA HIS A 69 0.78 22.78 5.01
CA HIS A 69 0.79 22.79 4.95
C HIS A 69 1.23 21.39 4.53
N ASP A 70 2.52 21.25 4.23
CA ASP A 70 3.07 19.97 3.78
C ASP A 70 3.17 18.97 4.91
N GLN A 71 3.46 19.44 6.12
CA GLN A 71 3.52 18.57 7.29
C GLN A 71 2.12 18.06 7.63
N VAL A 72 1.16 18.97 7.65
CA VAL A 72 -0.22 18.62 7.87
C VAL A 72 -0.68 17.53 6.90
N HIS A 73 -0.37 17.72 5.63
CA HIS A 73 -0.85 16.79 4.61
C HIS A 73 -0.24 15.40 4.78
N LEU A 74 1.06 15.35 5.06
CA LEU A 74 1.73 14.07 5.20
C LEU A 74 1.19 13.29 6.40
N LEU A 75 1.05 14.00 7.53
CA LEU A 75 0.58 13.38 8.76
C LEU A 75 -0.87 12.94 8.67
N GLU A 76 -1.68 13.79 8.04
CA GLU A 76 -3.07 13.45 7.76
C GLU A 76 -3.16 12.20 6.91
N CYS A 77 -2.22 12.01 6.00
CA CYS A 77 -2.23 10.85 5.11
CA CYS A 77 -2.24 10.84 5.12
C CYS A 77 -1.78 9.55 5.80
N ALA A 78 -0.71 9.66 6.60
CA ALA A 78 -0.01 8.50 7.15
C ALA A 78 -0.33 8.11 8.60
N TRP A 79 -1.06 8.94 9.33
CA TRP A 79 -1.20 8.76 10.79
C TRP A 79 -1.62 7.37 11.24
N LEU A 80 -2.60 6.79 10.56
CA LEU A 80 -3.12 5.49 10.96
C LEU A 80 -2.13 4.39 10.55
N GLU A 81 -1.55 4.54 9.35
CA GLU A 81 -0.47 3.66 8.91
C GLU A 81 0.62 3.62 9.98
N ILE A 82 1.02 4.81 10.45
CA ILE A 82 2.06 4.92 11.46
C ILE A 82 1.65 4.32 12.81
N LEU A 83 0.39 4.52 13.23
CA LEU A 83 -0.11 3.91 14.48
C LEU A 83 -0.08 2.40 14.34
N MET A 84 -0.42 1.93 13.14
CA MET A 84 -0.58 0.51 12.88
C MET A 84 0.75 -0.21 12.79
N ILE A 85 1.77 0.42 12.21
CA ILE A 85 3.05 -0.27 12.12
C ILE A 85 3.69 -0.38 13.50
N GLY A 86 3.45 0.63 14.35
CA GLY A 86 3.90 0.56 15.73
C GLY A 86 3.26 -0.58 16.48
N LEU A 87 1.95 -0.73 16.31
CA LEU A 87 1.20 -1.82 16.94
C LEU A 87 1.74 -3.17 16.53
N VAL A 88 1.91 -3.34 15.23
CA VAL A 88 2.41 -4.60 14.69
C VAL A 88 3.81 -4.88 15.26
N TRP A 89 4.62 -3.83 15.34
CA TRP A 89 5.95 -3.95 15.89
C TRP A 89 5.96 -4.33 17.38
N ARG A 90 5.14 -3.67 18.20
CA ARG A 90 4.99 -4.03 19.62
C ARG A 90 4.43 -5.44 19.80
N SER A 91 3.72 -5.94 18.80
CA SER A 91 3.05 -7.22 18.93
C SER A 91 3.92 -8.38 18.48
N MET A 92 5.10 -8.05 17.97
CA MET A 92 6.03 -9.03 17.41
C MET A 92 6.28 -10.22 18.34
N GLU A 93 6.51 -9.94 19.63
CA GLU A 93 6.87 -10.96 20.61
C GLU A 93 5.66 -11.60 21.29
N HIS A 94 4.47 -11.34 20.75
CA HIS A 94 3.23 -11.83 21.31
C HIS A 94 2.40 -12.49 20.21
N PRO A 95 2.88 -13.65 19.70
CA PRO A 95 2.20 -14.27 18.56
C PRO A 95 0.75 -14.57 18.91
N GLY A 96 -0.18 -14.29 18.00
CA GLY A 96 -1.59 -14.51 18.24
C GLY A 96 -2.28 -13.39 18.98
N LYS A 97 -1.54 -12.33 19.32
CA LYS A 97 -2.07 -11.21 20.10
C LYS A 97 -1.60 -9.87 19.60
N LEU A 98 -2.36 -8.84 19.93
CA LEU A 98 -2.01 -7.46 19.56
C LEU A 98 -1.80 -6.64 20.83
N LEU A 99 -0.61 -6.07 20.95
CA LEU A 99 -0.29 -5.27 22.12
C LEU A 99 -0.62 -3.78 21.89
N PHE A 100 -1.89 -3.45 22.07
CA PHE A 100 -2.31 -2.06 21.96
C PHE A 100 -1.56 -1.23 23.01
N ALA A 101 -1.52 -1.76 24.23
CA ALA A 101 -0.79 -1.13 25.31
C ALA A 101 -0.34 -2.27 26.17
N PRO A 102 0.60 -1.99 27.08
CA PRO A 102 1.08 -2.98 28.03
C PRO A 102 -0.07 -3.53 28.88
N ASN A 103 -1.12 -2.73 29.05
CA ASN A 103 -2.30 -3.17 29.80
C ASN A 103 -3.51 -3.47 28.91
N LEU A 104 -3.27 -3.64 27.61
CA LEU A 104 -4.32 -3.90 26.64
C LEU A 104 -3.78 -4.81 25.53
N LEU A 105 -3.72 -6.11 25.82
CA LEU A 105 -3.18 -7.10 24.90
C LEU A 105 -4.31 -8.03 24.49
N LEU A 106 -4.78 -7.87 23.25
CA LEU A 106 -6.00 -8.52 22.80
C LEU A 106 -5.75 -9.61 21.75
N ASP A 107 -6.48 -10.73 21.85
CA ASP A 107 -6.53 -11.71 20.77
C ASP A 107 -7.76 -11.48 19.87
N ARG A 108 -7.88 -12.25 18.79
CA ARG A 108 -8.95 -12.03 17.81
C ARG A 108 -10.37 -12.25 18.40
N ASN A 109 -10.51 -13.20 19.33
CA ASN A 109 -11.81 -13.41 19.98
C ASN A 109 -12.25 -12.17 20.72
N GLN A 110 -11.29 -11.44 21.29
CA GLN A 110 -11.65 -10.18 21.90
C GLN A 110 -11.99 -9.16 20.82
N GLY A 111 -11.28 -9.24 19.70
CA GLY A 111 -11.56 -8.37 18.57
C GLY A 111 -12.99 -8.51 18.08
N LYS A 112 -13.55 -9.72 18.16
CA LYS A 112 -14.92 -9.94 17.66
C LYS A 112 -15.92 -9.09 18.43
N CYS A 113 -15.51 -8.55 19.58
CA CYS A 113 -16.41 -7.76 20.40
CA CYS A 113 -16.40 -7.75 20.41
C CYS A 113 -16.94 -6.55 19.65
N VAL A 114 -16.09 -5.96 18.82
CA VAL A 114 -16.47 -4.81 18.01
C VAL A 114 -16.85 -5.27 16.60
N GLU A 115 -18.03 -4.90 16.16
CA GLU A 115 -18.50 -5.26 14.82
C GLU A 115 -17.53 -4.79 13.73
N GLY A 116 -17.07 -5.73 12.92
CA GLY A 116 -16.17 -5.41 11.82
C GLY A 116 -14.71 -5.30 12.23
N MET A 117 -14.42 -5.51 13.51
CA MET A 117 -13.07 -5.28 14.01
CA MET A 117 -13.08 -5.29 14.04
C MET A 117 -12.16 -6.48 13.79
N VAL A 118 -12.72 -7.68 13.85
CA VAL A 118 -11.89 -8.88 13.75
C VAL A 118 -11.15 -9.03 12.43
N GLU A 119 -11.74 -8.54 11.35
CA GLU A 119 -11.12 -8.59 10.02
C GLU A 119 -9.81 -7.80 10.00
N ILE A 120 -9.78 -6.70 10.74
CA ILE A 120 -8.62 -5.82 10.78
C ILE A 120 -7.59 -6.38 11.75
N PHE A 121 -8.07 -6.94 12.86
CA PHE A 121 -7.20 -7.72 13.74
C PHE A 121 -6.46 -8.79 12.95
N ASP A 122 -7.20 -9.56 12.16
CA ASP A 122 -6.60 -10.65 11.42
C ASP A 122 -5.47 -10.16 10.50
N MET A 123 -5.72 -9.08 9.77
CA MET A 123 -4.67 -8.49 8.94
C MET A 123 -3.45 -8.04 9.76
N LEU A 124 -3.70 -7.35 10.88
CA LEU A 124 -2.61 -6.89 11.75
C LEU A 124 -1.85 -8.07 12.34
N LEU A 125 -2.55 -9.12 12.76
CA LEU A 125 -1.87 -10.31 13.28
C LEU A 125 -0.99 -10.97 12.22
N ALA A 126 -1.47 -10.99 10.98
CA ALA A 126 -0.74 -11.65 9.91
C ALA A 126 0.53 -10.87 9.57
N THR A 127 0.41 -9.54 9.57
CA THR A 127 1.55 -8.68 9.34
C THR A 127 2.55 -8.86 10.47
N SER A 128 2.02 -9.06 11.67
CA SER A 128 2.88 -9.27 12.82
C SER A 128 3.66 -10.57 12.63
N SER A 129 2.99 -11.60 12.11
CA SER A 129 3.63 -12.87 11.82
CA SER A 129 3.62 -12.88 11.80
C SER A 129 4.69 -12.71 10.73
N ARG A 130 4.50 -11.72 9.87
CA ARG A 130 5.45 -11.40 8.80
C ARG A 130 6.70 -10.77 9.39
N PHE A 131 6.52 -9.88 10.37
CA PHE A 131 7.66 -9.24 11.01
C PHE A 131 8.49 -10.33 11.70
N ARG A 132 7.80 -11.32 12.24
CA ARG A 132 8.40 -12.39 13.01
C ARG A 132 9.17 -13.33 12.07
N MET A 133 8.52 -13.68 10.96
CA MET A 133 9.13 -14.48 9.91
C MET A 133 10.40 -13.86 9.30
N MET A 134 10.47 -12.54 9.23
CA MET A 134 11.65 -11.84 8.68
C MET A 134 12.64 -11.42 9.76
N ASN A 135 12.29 -11.64 11.02
CA ASN A 135 13.11 -11.12 12.13
CA ASN A 135 13.11 -11.12 12.12
C ASN A 135 13.40 -9.64 11.93
N LEU A 136 12.34 -8.85 11.80
CA LEU A 136 12.48 -7.41 11.60
C LEU A 136 13.24 -6.81 12.78
N GLN A 137 14.19 -5.94 12.47
CA GLN A 137 14.99 -5.28 13.49
C GLN A 137 14.43 -3.88 13.78
N GLY A 138 14.66 -3.39 15.00
CA GLY A 138 14.11 -2.11 15.40
C GLY A 138 14.65 -0.96 14.56
N GLU A 139 15.90 -1.10 14.12
CA GLU A 139 16.55 -0.10 13.27
C GLU A 139 15.83 -0.05 11.95
N GLU A 140 15.44 -1.22 11.47
CA GLU A 140 14.70 -1.34 10.22
C GLU A 140 13.31 -0.78 10.43
N PHE A 141 12.72 -1.12 11.58
CA PHE A 141 11.39 -0.63 11.94
C PHE A 141 11.30 0.90 11.86
N VAL A 142 12.23 1.59 12.51
CA VAL A 142 12.19 3.06 12.55
C VAL A 142 12.39 3.66 11.15
N CYS A 143 13.18 2.98 10.33
CA CYS A 143 13.35 3.43 8.95
C CYS A 143 12.02 3.37 8.18
N LEU A 144 11.34 2.23 8.28
CA LEU A 144 10.06 2.00 7.61
C LEU A 144 8.99 3.00 8.02
N LYS A 145 8.86 3.21 9.32
CA LYS A 145 7.91 4.17 9.87
C LYS A 145 8.19 5.60 9.34
N SER A 146 9.46 5.97 9.21
CA SER A 146 9.79 7.27 8.65
C SER A 146 9.47 7.36 7.16
N ILE A 147 9.66 6.23 6.45
CA ILE A 147 9.34 6.16 5.03
C ILE A 147 7.86 6.36 4.79
N ILE A 148 7.02 5.71 5.60
CA ILE A 148 5.59 5.97 5.59
C ILE A 148 5.20 7.43 5.76
N LEU A 149 5.81 8.10 6.73
CA LEU A 149 5.49 9.52 6.96
C LEU A 149 5.79 10.37 5.73
N LEU A 150 7.00 10.22 5.19
CA LEU A 150 7.44 11.01 4.04
C LEU A 150 6.84 10.57 2.69
N ASN A 151 6.50 9.29 2.55
CA ASN A 151 6.04 8.74 1.25
C ASN A 151 4.53 8.74 1.00
N SER A 152 3.76 8.34 2.01
CA SER A 152 2.34 8.04 1.82
C SER A 152 1.51 9.10 1.14
N GLY A 153 1.78 10.36 1.45
CA GLY A 153 1.04 11.44 0.84
C GLY A 153 1.88 12.25 -0.11
N VAL A 154 3.02 11.68 -0.53
CA VAL A 154 3.96 12.46 -1.32
C VAL A 154 3.48 12.69 -2.76
N TYR A 155 2.58 11.84 -3.26
CA TYR A 155 2.04 12.00 -4.61
C TYR A 155 0.62 12.52 -4.59
N THR A 156 0.25 13.15 -3.49
CA THR A 156 -1.01 13.88 -3.43
C THR A 156 -0.65 15.35 -3.34
N PHE A 157 0.61 15.65 -3.63
CA PHE A 157 1.09 17.02 -3.70
C PHE A 157 0.80 17.62 -5.07
N LYS A 168 8.78 18.35 -3.13
CA LYS A 168 8.91 17.18 -4.00
C LYS A 168 10.32 16.59 -3.90
N ASP A 169 11.26 17.29 -4.53
CA ASP A 169 12.64 16.82 -4.64
C ASP A 169 13.32 16.61 -3.30
N HIS A 170 13.05 17.50 -2.35
CA HIS A 170 13.67 17.39 -1.03
C HIS A 170 13.17 16.15 -0.29
N ILE A 171 11.87 15.90 -0.39
CA ILE A 171 11.29 14.69 0.19
C ILE A 171 11.99 13.46 -0.38
N HIS A 172 12.12 13.41 -1.71
CA HIS A 172 12.72 12.26 -2.35
C HIS A 172 14.18 12.10 -1.92
N ARG A 173 14.87 13.22 -1.74
CA ARG A 173 16.25 13.18 -1.27
C ARG A 173 16.32 12.45 0.06
N VAL A 174 15.45 12.81 1.01
CA VAL A 174 15.47 12.18 2.32
C VAL A 174 15.11 10.70 2.21
N LEU A 175 14.13 10.39 1.37
CA LEU A 175 13.75 9.00 1.16
C LEU A 175 14.92 8.16 0.62
N ASP A 176 15.65 8.68 -0.38
CA ASP A 176 16.85 8.01 -0.90
C ASP A 176 17.87 7.82 0.22
N LYS A 177 18.04 8.85 1.05
CA LYS A 177 18.95 8.77 2.19
C LYS A 177 18.54 7.66 3.17
N ILE A 178 17.24 7.44 3.33
CA ILE A 178 16.76 6.36 4.20
C ILE A 178 16.97 4.99 3.55
N THR A 179 16.91 4.94 2.23
CA THR A 179 17.28 3.75 1.50
C THR A 179 18.76 3.40 1.73
N ASP A 180 19.65 4.40 1.63
CA ASP A 180 21.07 4.19 1.94
C ASP A 180 21.25 3.60 3.34
N THR A 181 20.47 4.12 4.27
CA THR A 181 20.52 3.72 5.67
C THR A 181 20.13 2.25 5.84
N LEU A 182 19.06 1.84 5.17
CA LEU A 182 18.63 0.44 5.28
C LEU A 182 19.68 -0.50 4.74
N ILE A 183 20.19 -0.19 3.55
CA ILE A 183 21.24 -1.00 2.95
CA ILE A 183 21.24 -0.99 2.95
C ILE A 183 22.46 -1.07 3.87
N HIS A 184 22.82 0.05 4.47
CA HIS A 184 23.98 0.10 5.36
C HIS A 184 23.79 -0.82 6.56
N LEU A 185 22.58 -0.80 7.11
CA LEU A 185 22.25 -1.63 8.27
C LEU A 185 22.34 -3.11 7.93
N MET A 186 21.83 -3.48 6.77
CA MET A 186 21.83 -4.86 6.30
C MET A 186 23.23 -5.34 6.00
N ALA A 187 24.02 -4.48 5.36
CA ALA A 187 25.40 -4.78 5.06
C ALA A 187 26.16 -4.97 6.39
N LYS A 188 25.97 -4.02 7.29
CA LYS A 188 26.63 -4.04 8.57
C LYS A 188 26.21 -5.27 9.36
N ALA A 189 25.05 -5.82 9.03
CA ALA A 189 24.57 -7.04 9.68
C ALA A 189 25.06 -8.32 8.99
N GLY A 190 25.85 -8.17 7.92
CA GLY A 190 26.44 -9.32 7.26
C GLY A 190 25.64 -9.97 6.14
N LEU A 191 24.57 -9.32 5.70
CA LEU A 191 23.84 -9.82 4.54
C LEU A 191 24.70 -9.67 3.27
N THR A 192 24.56 -10.59 2.34
CA THR A 192 25.26 -10.49 1.07
C THR A 192 24.66 -9.36 0.21
N LEU A 193 25.42 -8.92 -0.79
CA LEU A 193 24.91 -7.93 -1.71
C LEU A 193 23.51 -8.32 -2.24
N GLN A 194 23.33 -9.60 -2.57
CA GLN A 194 22.04 -10.05 -3.09
C GLN A 194 20.98 -10.09 -2.00
N GLN A 195 21.35 -10.58 -0.82
CA GLN A 195 20.38 -10.61 0.27
C GLN A 195 19.93 -9.21 0.57
N GLN A 196 20.86 -8.26 0.51
CA GLN A 196 20.53 -6.86 0.76
C GLN A 196 19.41 -6.34 -0.15
N HIS A 197 19.53 -6.51 -1.46
CA HIS A 197 18.46 -5.99 -2.31
C HIS A 197 17.15 -6.77 -2.13
N GLN A 198 17.27 -8.07 -1.96
CA GLN A 198 16.11 -8.92 -1.70
C GLN A 198 15.35 -8.52 -0.46
N ARG A 199 16.09 -8.33 0.62
CA ARG A 199 15.49 -7.93 1.88
C ARG A 199 14.91 -6.51 1.79
N LEU A 200 15.63 -5.59 1.15
CA LEU A 200 15.12 -4.23 0.98
C LEU A 200 13.75 -4.24 0.32
N ALA A 201 13.60 -5.08 -0.70
CA ALA A 201 12.31 -5.25 -1.35
C ALA A 201 11.25 -5.86 -0.41
N GLN A 202 11.62 -6.82 0.41
CA GLN A 202 10.65 -7.48 1.28
C GLN A 202 10.14 -6.47 2.32
N LEU A 203 11.07 -5.73 2.90
CA LEU A 203 10.73 -4.68 3.85
C LEU A 203 9.74 -3.70 3.20
N LEU A 204 10.08 -3.14 2.06
CA LEU A 204 9.25 -2.12 1.43
C LEU A 204 7.86 -2.64 1.00
N LEU A 205 7.79 -3.88 0.54
CA LEU A 205 6.52 -4.49 0.17
C LEU A 205 5.55 -4.53 1.33
N ILE A 206 6.09 -4.57 2.54
CA ILE A 206 5.27 -4.50 3.76
C ILE A 206 4.35 -3.29 3.72
N LEU A 207 4.88 -2.21 3.18
CA LEU A 207 4.18 -0.92 3.16
C LEU A 207 2.93 -0.95 2.31
N SER A 208 2.82 -1.92 1.41
CA SER A 208 1.60 -2.01 0.61
C SER A 208 0.47 -2.57 1.47
N HIS A 209 0.83 -3.52 2.32
CA HIS A 209 -0.05 -4.11 3.30
C HIS A 209 -0.43 -3.14 4.42
N ILE A 210 0.53 -2.31 4.85
CA ILE A 210 0.22 -1.33 5.88
C ILE A 210 -0.79 -0.32 5.33
N ARG A 211 -0.57 0.11 4.09
CA ARG A 211 -1.52 0.98 3.40
C ARG A 211 -2.90 0.34 3.32
N HIS A 212 -2.95 -0.92 2.92
CA HIS A 212 -4.22 -1.62 2.85
C HIS A 212 -4.94 -1.58 4.20
N MET A 213 -4.25 -2.01 5.24
CA MET A 213 -4.87 -2.09 6.56
C MET A 213 -5.31 -0.72 7.04
N SER A 214 -4.52 0.30 6.76
CA SER A 214 -4.92 1.66 7.10
C SER A 214 -6.26 2.04 6.43
N ASN A 215 -6.37 1.76 5.13
CA ASN A 215 -7.59 2.11 4.41
C ASN A 215 -8.80 1.41 4.99
N LYS A 216 -8.61 0.16 5.40
CA LYS A 216 -9.71 -0.60 5.99
C LYS A 216 -10.07 -0.08 7.39
N GLY A 217 -9.04 0.18 8.20
CA GLY A 217 -9.25 0.77 9.50
C GLY A 217 -9.92 2.13 9.39
N MET A 218 -9.54 2.89 8.38
CA MET A 218 -10.13 4.21 8.19
C MET A 218 -11.62 4.10 7.92
N GLU A 219 -11.99 3.16 7.06
CA GLU A 219 -13.40 2.91 6.74
C GLU A 219 -14.16 2.47 7.98
N HIS A 220 -13.51 1.66 8.80
CA HIS A 220 -14.13 1.11 10.00
C HIS A 220 -14.29 2.17 11.07
N LEU A 221 -13.23 2.94 11.29
CA LEU A 221 -13.30 4.07 12.20
C LEU A 221 -14.44 4.99 11.76
N TYR A 222 -14.54 5.23 10.47
CA TYR A 222 -15.56 6.14 9.96
C TYR A 222 -16.98 5.65 10.28
N SER A 223 -17.20 4.35 10.17
CA SER A 223 -18.54 3.84 10.40
C SER A 223 -18.87 3.80 11.89
N MET A 224 -17.86 3.72 12.76
CA MET A 224 -18.10 3.91 14.19
C MET A 224 -18.57 5.34 14.48
N LYS A 225 -17.85 6.34 13.97
CA LYS A 225 -18.26 7.73 14.07
C LYS A 225 -19.70 7.93 13.58
N CYS A 226 -20.01 7.43 12.39
CA CYS A 226 -21.33 7.65 11.81
C CYS A 226 -22.45 6.87 12.50
N LYS A 227 -22.08 5.98 13.41
CA LYS A 227 -23.07 5.23 14.16
C LYS A 227 -23.07 5.61 15.65
N ASN A 228 -22.37 6.70 15.97
CA ASN A 228 -22.29 7.17 17.35
C ASN A 228 -21.93 6.06 18.33
N VAL A 229 -21.02 5.18 17.92
CA VAL A 229 -20.58 4.11 18.81
C VAL A 229 -19.71 4.69 19.92
N VAL A 230 -18.94 5.70 19.59
CA VAL A 230 -17.98 6.29 20.52
C VAL A 230 -17.66 7.73 20.15
N PRO A 231 -17.52 8.60 21.16
CA PRO A 231 -17.13 9.97 20.88
C PRO A 231 -15.63 10.07 20.51
N LEU A 232 -15.36 10.73 19.39
CA LEU A 232 -14.00 10.97 18.94
C LEU A 232 -13.49 12.37 19.33
N SER A 233 -12.24 12.45 19.78
CA SER A 233 -11.62 13.75 20.03
C SER A 233 -11.71 14.59 18.75
N ASP A 234 -11.66 15.92 18.90
CA ASP A 234 -11.74 16.82 17.77
C ASP A 234 -10.57 16.60 16.81
N LEU A 235 -9.41 16.25 17.39
CA LEU A 235 -8.20 16.01 16.62
C LEU A 235 -8.34 14.75 15.75
N LEU A 236 -8.89 13.71 16.36
CA LEU A 236 -9.18 12.47 15.68
C LEU A 236 -10.23 12.64 14.58
N LEU A 237 -11.29 13.40 14.88
CA LEU A 237 -12.33 13.70 13.89
C LEU A 237 -11.73 14.41 12.68
N GLU A 238 -10.75 15.25 12.94
CA GLU A 238 -10.11 15.99 11.86
C GLU A 238 -9.11 15.13 11.07
N MET A 239 -8.36 14.25 11.75
CA MET A 239 -7.49 13.30 11.06
C MET A 239 -8.35 12.38 10.19
N LEU A 240 -9.55 12.04 10.70
CA LEU A 240 -10.45 11.18 9.97
C LEU A 240 -11.06 11.91 8.76
N ASP A 241 -11.58 13.12 9.00
CA ASP A 241 -12.16 13.90 7.92
C ASP A 241 -11.19 14.10 6.76
N ALA A 242 -9.90 14.17 7.08
CA ALA A 242 -8.87 14.37 6.05
C ALA A 242 -9.02 13.32 4.95
N HIS A 243 -9.60 12.18 5.32
CA HIS A 243 -9.63 11.02 4.42
C HIS A 243 -10.91 10.87 3.62
N ARG A 244 -11.83 11.82 3.73
CA ARG A 244 -13.08 11.76 2.97
C ARG A 244 -13.41 13.12 2.35
N SER B 1 7.83 -24.39 -9.44
CA SER B 1 8.90 -25.34 -9.20
C SER B 1 10.04 -25.14 -10.19
N LEU B 2 9.78 -24.33 -11.22
CA LEU B 2 10.76 -24.11 -12.29
C LEU B 2 10.99 -22.62 -12.59
N ALA B 3 10.16 -21.77 -11.99
CA ALA B 3 10.34 -20.32 -12.13
C ALA B 3 11.59 -19.88 -11.39
N LEU B 4 11.93 -20.60 -10.33
CA LEU B 4 13.18 -20.38 -9.62
C LEU B 4 14.39 -20.73 -10.51
N SER B 5 14.15 -21.41 -11.62
CA SER B 5 15.21 -21.80 -12.57
C SER B 5 15.56 -20.71 -13.57
N LEU B 6 14.60 -19.84 -13.86
CA LEU B 6 14.76 -18.80 -14.89
C LEU B 6 15.98 -17.92 -14.67
N THR B 7 16.57 -17.44 -15.77
CA THR B 7 17.56 -16.38 -15.66
C THR B 7 16.82 -15.05 -15.56
N ALA B 8 17.51 -14.02 -15.08
CA ALA B 8 16.93 -12.68 -15.03
C ALA B 8 16.34 -12.31 -16.39
N ASP B 9 17.13 -12.56 -17.45
CA ASP B 9 16.75 -12.25 -18.82
C ASP B 9 15.56 -13.06 -19.28
N GLN B 10 15.46 -14.28 -18.78
CA GLN B 10 14.34 -15.15 -19.11
C GLN B 10 13.07 -14.75 -18.35
N MET B 11 13.25 -14.19 -17.16
CA MET B 11 12.12 -13.71 -16.37
C MET B 11 11.47 -12.54 -17.10
N VAL B 12 12.30 -11.66 -17.62
CA VAL B 12 11.88 -10.48 -18.36
C VAL B 12 11.16 -10.85 -19.66
N SER B 13 11.76 -11.78 -20.41
CA SER B 13 11.17 -12.27 -21.65
CA SER B 13 11.17 -12.25 -21.66
C SER B 13 9.84 -12.97 -21.39
N ALA B 14 9.80 -13.76 -20.33
CA ALA B 14 8.58 -14.45 -19.93
C ALA B 14 7.47 -13.44 -19.63
N LEU B 15 7.78 -12.45 -18.80
CA LEU B 15 6.80 -11.45 -18.40
C LEU B 15 6.32 -10.61 -19.58
N LEU B 16 7.24 -10.28 -20.49
CA LEU B 16 6.93 -9.52 -21.69
C LEU B 16 6.04 -10.31 -22.65
N ASP B 17 6.36 -11.59 -22.83
CA ASP B 17 5.55 -12.46 -23.67
C ASP B 17 4.15 -12.64 -23.07
N ALA B 18 4.05 -12.58 -21.76
CA ALA B 18 2.79 -12.81 -21.07
C ALA B 18 1.83 -11.61 -21.14
N GLU B 19 2.30 -10.46 -21.60
CA GLU B 19 1.51 -9.23 -21.56
C GLU B 19 0.14 -9.39 -22.20
N PRO B 20 -0.91 -8.92 -21.53
CA PRO B 20 -2.25 -9.02 -22.12
C PRO B 20 -2.29 -8.11 -23.33
N PRO B 21 -3.27 -8.30 -24.22
CA PRO B 21 -3.49 -7.45 -25.38
C PRO B 21 -4.02 -6.08 -24.97
N ILE B 22 -3.89 -5.10 -25.85
CA ILE B 22 -4.49 -3.79 -25.61
C ILE B 22 -5.84 -3.74 -26.31
N LEU B 23 -6.88 -3.47 -25.54
CA LEU B 23 -8.24 -3.55 -26.05
C LEU B 23 -8.77 -2.14 -26.36
N TYR B 24 -9.73 -2.07 -27.29
CA TYR B 24 -10.42 -0.82 -27.60
C TYR B 24 -11.71 -0.72 -26.82
N SER B 25 -12.16 0.51 -26.59
CA SER B 25 -13.45 0.80 -25.97
C SER B 25 -14.58 0.72 -27.00
N GLU B 26 -15.81 0.52 -26.53
CA GLU B 26 -17.00 0.56 -27.40
C GLU B 26 -17.36 1.99 -27.81
N TYR B 27 -16.68 2.96 -27.19
CA TYR B 27 -16.91 4.38 -27.41
C TYR B 27 -17.15 4.78 -28.87
N ASP B 28 -18.12 5.66 -29.09
CA ASP B 28 -18.40 6.18 -30.44
C ASP B 28 -17.80 7.57 -30.62
N PHE B 33 -22.81 11.53 -23.97
CA PHE B 33 -21.74 11.32 -23.00
C PHE B 33 -22.19 11.79 -21.61
N SER B 34 -22.76 10.88 -20.84
CA SER B 34 -23.34 11.19 -19.55
C SER B 34 -22.66 10.38 -18.45
N GLU B 35 -23.14 10.52 -17.22
CA GLU B 35 -22.64 9.74 -16.10
C GLU B 35 -22.85 8.24 -16.32
N ALA B 36 -24.01 7.89 -16.87
CA ALA B 36 -24.32 6.49 -17.19
C ALA B 36 -23.41 6.01 -18.31
N SER B 37 -23.50 6.69 -19.45
CA SER B 37 -22.60 6.51 -20.57
C SER B 37 -21.16 6.15 -20.13
N MET B 38 -20.47 7.09 -19.52
CA MET B 38 -19.06 6.92 -19.17
C MET B 38 -18.78 5.75 -18.22
N MET B 39 -19.65 5.58 -17.21
CA MET B 39 -19.51 4.46 -16.28
C MET B 39 -19.62 3.12 -16.99
N GLY B 40 -20.54 3.04 -17.95
CA GLY B 40 -20.69 1.84 -18.74
C GLY B 40 -19.40 1.52 -19.48
N LEU B 41 -18.82 2.52 -20.11
CA LEU B 41 -17.59 2.32 -20.86
C LEU B 41 -16.46 1.78 -19.95
N LEU B 42 -16.23 2.46 -18.84
CA LEU B 42 -15.14 2.12 -17.94
C LEU B 42 -15.29 0.72 -17.34
N THR B 43 -16.48 0.41 -16.85
CA THR B 43 -16.73 -0.88 -16.22
C THR B 43 -16.77 -1.99 -17.27
N ASN B 44 -17.30 -1.69 -18.43
CA ASN B 44 -17.36 -2.66 -19.51
C ASN B 44 -15.95 -2.95 -20.02
N LEU B 45 -15.13 -1.92 -20.10
CA LEU B 45 -13.73 -2.10 -20.45
C LEU B 45 -13.04 -2.95 -19.38
N ALA B 46 -13.32 -2.63 -18.12
CA ALA B 46 -12.74 -3.34 -16.99
C ALA B 46 -13.11 -4.84 -17.01
N ASP B 47 -14.38 -5.14 -17.25
CA ASP B 47 -14.80 -6.54 -17.31
C ASP B 47 -13.99 -7.31 -18.37
N ARG B 48 -13.84 -6.73 -19.56
CA ARG B 48 -13.12 -7.39 -20.64
C ARG B 48 -11.63 -7.58 -20.36
N GLU B 49 -11.02 -6.58 -19.74
CA GLU B 49 -9.61 -6.66 -19.37
C GLU B 49 -9.40 -7.75 -18.34
N LEU B 50 -10.35 -7.91 -17.44
CA LEU B 50 -10.23 -8.87 -16.34
C LEU B 50 -10.06 -10.27 -16.91
N VAL B 51 -10.82 -10.57 -17.94
CA VAL B 51 -10.74 -11.88 -18.57
C VAL B 51 -9.34 -12.14 -19.13
N HIS B 52 -8.74 -11.11 -19.73
CA HIS B 52 -7.39 -11.22 -20.32
C HIS B 52 -6.28 -11.27 -19.25
N MET B 53 -6.56 -10.67 -18.10
CA MET B 53 -5.65 -10.63 -16.95
C MET B 53 -5.45 -12.01 -16.35
N ILE B 54 -6.50 -12.81 -16.38
CA ILE B 54 -6.44 -14.19 -15.91
C ILE B 54 -5.50 -15.04 -16.78
N ASN B 55 -5.62 -14.91 -18.09
CA ASN B 55 -4.66 -15.55 -18.98
C ASN B 55 -3.24 -15.05 -18.69
N TRP B 56 -3.09 -13.77 -18.38
CA TRP B 56 -1.77 -13.23 -18.09
C TRP B 56 -1.23 -13.78 -16.77
N ALA B 57 -2.03 -13.81 -15.73
CA ALA B 57 -1.61 -14.28 -14.42
C ALA B 57 -1.01 -15.68 -14.50
N LYS B 58 -1.65 -16.47 -15.34
CA LYS B 58 -1.32 -17.85 -15.57
C LYS B 58 -0.01 -18.03 -16.31
N ARG B 59 0.46 -16.99 -16.96
CA ARG B 59 1.75 -16.97 -17.56
C ARG B 59 2.81 -16.27 -16.73
N VAL B 60 2.48 -15.85 -15.53
CA VAL B 60 3.47 -15.32 -14.59
C VAL B 60 4.19 -16.48 -13.90
N PRO B 61 5.52 -16.56 -14.07
CA PRO B 61 6.27 -17.67 -13.49
C PRO B 61 6.00 -17.81 -12.00
N GLY B 62 5.74 -19.04 -11.55
CA GLY B 62 5.45 -19.33 -10.16
C GLY B 62 3.97 -19.42 -9.81
N PHE B 63 3.14 -18.72 -10.57
CA PHE B 63 1.71 -18.62 -10.30
C PHE B 63 0.93 -19.94 -10.47
N VAL B 64 1.17 -20.64 -11.58
CA VAL B 64 0.48 -21.91 -11.84
C VAL B 64 0.90 -22.99 -10.87
N ASP B 65 1.95 -22.74 -10.11
CA ASP B 65 2.40 -23.71 -9.09
C ASP B 65 1.45 -23.72 -7.90
N LEU B 66 0.72 -22.63 -7.73
CA LEU B 66 -0.16 -22.41 -6.59
C LEU B 66 -1.46 -23.16 -6.78
N THR B 67 -2.10 -23.53 -5.68
CA THR B 67 -3.43 -24.12 -5.73
C THR B 67 -4.42 -23.19 -6.43
N LEU B 68 -5.51 -23.74 -6.91
CA LEU B 68 -6.55 -22.93 -7.55
C LEU B 68 -7.09 -21.88 -6.57
N HIS B 69 -7.29 -22.29 -5.32
CA HIS B 69 -7.87 -21.41 -4.33
CA HIS B 69 -7.84 -21.46 -4.26
C HIS B 69 -6.98 -20.23 -4.01
N ASP B 70 -5.67 -20.46 -4.02
CA ASP B 70 -4.71 -19.37 -3.81
C ASP B 70 -4.61 -18.41 -5.01
N GLN B 71 -4.75 -18.93 -6.22
CA GLN B 71 -4.74 -18.07 -7.40
C GLN B 71 -5.95 -17.13 -7.32
N VAL B 72 -7.12 -17.70 -7.00
CA VAL B 72 -8.35 -16.93 -6.86
C VAL B 72 -8.20 -15.79 -5.83
N HIS B 73 -7.60 -16.13 -4.69
CA HIS B 73 -7.36 -15.18 -3.63
C HIS B 73 -6.42 -14.05 -4.08
N LEU B 74 -5.36 -14.40 -4.79
CA LEU B 74 -4.40 -13.40 -5.24
C LEU B 74 -5.02 -12.44 -6.26
N LEU B 75 -5.70 -12.99 -7.26
CA LEU B 75 -6.37 -12.17 -8.25
C LEU B 75 -7.50 -11.30 -7.67
N GLU B 76 -8.31 -11.88 -6.77
CA GLU B 76 -9.37 -11.13 -6.08
C GLU B 76 -8.79 -9.95 -5.30
N CYS B 77 -7.69 -10.19 -4.61
CA CYS B 77 -7.06 -9.12 -3.87
CA CYS B 77 -7.02 -9.14 -3.87
C CYS B 77 -6.49 -8.03 -4.79
N ALA B 78 -5.79 -8.44 -5.83
CA ALA B 78 -4.98 -7.53 -6.66
C ALA B 78 -5.59 -6.94 -7.92
N TRP B 79 -6.79 -7.38 -8.31
CA TRP B 79 -7.25 -7.14 -9.68
C TRP B 79 -7.32 -5.66 -10.09
N LEU B 80 -7.89 -4.83 -9.22
CA LEU B 80 -8.01 -3.40 -9.53
C LEU B 80 -6.63 -2.72 -9.50
N GLU B 81 -5.77 -3.20 -8.60
CA GLU B 81 -4.38 -2.74 -8.59
C GLU B 81 -3.68 -2.96 -9.92
N ILE B 82 -3.86 -4.16 -10.44
CA ILE B 82 -3.29 -4.57 -11.69
C ILE B 82 -3.91 -3.77 -12.84
N LEU B 83 -5.22 -3.60 -12.78
CA LEU B 83 -5.91 -2.80 -13.79
C LEU B 83 -5.37 -1.37 -13.82
N MET B 84 -5.15 -0.80 -12.64
CA MET B 84 -4.75 0.60 -12.52
C MET B 84 -3.30 0.87 -12.92
N ILE B 85 -2.37 0.01 -12.52
CA ILE B 85 -0.97 0.20 -12.91
C ILE B 85 -0.83 0.03 -14.43
N GLY B 86 -1.64 -0.84 -15.02
CA GLY B 86 -1.78 -0.91 -16.47
C GLY B 86 -2.19 0.44 -17.05
N LEU B 87 -3.28 0.98 -16.53
CA LEU B 87 -3.80 2.27 -16.98
C LEU B 87 -2.75 3.39 -16.87
N VAL B 88 -2.14 3.47 -15.70
CA VAL B 88 -1.11 4.46 -15.43
C VAL B 88 0.04 4.29 -16.42
N TRP B 89 0.40 3.05 -16.68
CA TRP B 89 1.51 2.78 -17.58
C TRP B 89 1.16 3.29 -18.98
N ARG B 90 -0.05 2.99 -19.42
CA ARG B 90 -0.49 3.42 -20.74
C ARG B 90 -0.56 4.93 -20.89
N SER B 91 -0.87 5.62 -19.80
CA SER B 91 -1.13 7.06 -19.86
C SER B 91 0.12 7.88 -19.68
N MET B 92 1.24 7.18 -19.51
CA MET B 92 2.51 7.80 -19.16
C MET B 92 3.00 8.76 -20.26
N GLU B 93 2.65 8.45 -21.51
CA GLU B 93 3.03 9.27 -22.67
C GLU B 93 2.03 10.40 -22.95
N HIS B 94 0.98 10.47 -22.15
CA HIS B 94 -0.06 11.47 -22.37
C HIS B 94 -0.30 12.29 -21.10
N PRO B 95 0.64 13.20 -20.77
CA PRO B 95 0.55 14.04 -19.57
C PRO B 95 -0.82 14.68 -19.42
N GLY B 96 -1.43 14.50 -18.26
CA GLY B 96 -2.72 15.09 -18.00
C GLY B 96 -3.90 14.29 -18.52
N LYS B 97 -3.64 13.15 -19.14
CA LYS B 97 -4.71 12.34 -19.70
C LYS B 97 -4.63 10.89 -19.23
N LEU B 98 -5.76 10.18 -19.28
CA LEU B 98 -5.80 8.77 -18.95
C LEU B 98 -6.21 7.94 -20.17
N LEU B 99 -5.29 7.11 -20.63
CA LEU B 99 -5.50 6.23 -21.79
C LEU B 99 -6.13 4.89 -21.40
N PHE B 100 -7.44 4.90 -21.18
CA PHE B 100 -8.16 3.66 -20.85
C PHE B 100 -8.09 2.68 -22.01
N ALA B 101 -8.32 3.22 -23.22
CA ALA B 101 -8.09 2.50 -24.47
C ALA B 101 -7.48 3.47 -25.50
N PRO B 102 -7.05 2.97 -26.68
CA PRO B 102 -6.47 3.89 -27.66
C PRO B 102 -7.51 4.85 -28.23
N ASN B 103 -8.79 4.49 -28.10
CA ASN B 103 -9.86 5.34 -28.60
C ASN B 103 -10.66 5.93 -27.45
N LEU B 104 -10.03 5.97 -26.28
CA LEU B 104 -10.63 6.57 -25.09
C LEU B 104 -9.56 7.24 -24.23
N LEU B 105 -9.13 8.41 -24.69
CA LEU B 105 -8.19 9.24 -23.95
C LEU B 105 -8.96 10.35 -23.26
N LEU B 106 -8.97 10.30 -21.94
CA LEU B 106 -9.79 11.20 -21.13
C LEU B 106 -8.92 12.20 -20.35
N ASP B 107 -9.15 13.50 -20.60
CA ASP B 107 -8.49 14.53 -19.81
CA ASP B 107 -8.50 14.54 -19.82
C ASP B 107 -9.05 14.53 -18.40
N ARG B 108 -8.37 15.23 -17.49
CA ARG B 108 -8.79 15.31 -16.10
C ARG B 108 -10.24 15.75 -15.87
N ASN B 109 -10.68 16.78 -16.59
CA ASN B 109 -12.04 17.31 -16.41
C ASN B 109 -13.16 16.37 -16.81
N GLN B 110 -12.88 15.45 -17.73
CA GLN B 110 -13.90 14.48 -18.14
C GLN B 110 -14.20 13.49 -17.01
N GLY B 111 -13.32 13.44 -16.02
CA GLY B 111 -13.56 12.60 -14.86
C GLY B 111 -14.73 13.10 -14.04
N LYS B 112 -15.14 14.34 -14.29
CA LYS B 112 -16.24 14.95 -13.54
C LYS B 112 -17.60 14.64 -14.18
N CYS B 113 -17.57 13.97 -15.34
CA CYS B 113 -18.77 13.42 -15.92
C CYS B 113 -19.44 12.44 -14.95
N VAL B 114 -18.61 11.75 -14.16
CA VAL B 114 -19.08 10.83 -13.12
C VAL B 114 -18.74 11.36 -11.72
N GLU B 115 -19.69 11.26 -10.80
CA GLU B 115 -19.52 11.79 -9.46
C GLU B 115 -18.50 10.99 -8.65
N GLY B 116 -17.59 11.71 -7.99
CA GLY B 116 -16.54 11.10 -7.19
C GLY B 116 -15.35 10.63 -8.02
N MET B 117 -15.51 10.69 -9.33
CA MET B 117 -14.54 10.09 -10.22
C MET B 117 -13.25 10.91 -10.39
N VAL B 118 -13.36 12.22 -10.26
CA VAL B 118 -12.23 13.08 -10.58
C VAL B 118 -11.12 12.94 -9.53
N GLU B 119 -11.52 12.74 -8.28
CA GLU B 119 -10.57 12.51 -7.20
C GLU B 119 -9.73 11.26 -7.49
N ILE B 120 -10.37 10.23 -8.05
CA ILE B 120 -9.64 9.04 -8.43
C ILE B 120 -8.76 9.32 -9.65
N PHE B 121 -9.28 10.06 -10.62
CA PHE B 121 -8.49 10.46 -11.78
C PHE B 121 -7.20 11.18 -11.39
N ASP B 122 -7.32 12.17 -10.50
CA ASP B 122 -6.16 12.93 -10.01
C ASP B 122 -5.06 12.03 -9.47
N MET B 123 -5.41 11.03 -8.68
CA MET B 123 -4.42 10.10 -8.16
C MET B 123 -3.77 9.28 -9.26
N LEU B 124 -4.58 8.90 -10.25
CA LEU B 124 -4.06 8.12 -11.38
C LEU B 124 -3.12 8.98 -12.24
N LEU B 125 -3.51 10.23 -12.44
CA LEU B 125 -2.71 11.20 -13.18
C LEU B 125 -1.38 11.50 -12.47
N ALA B 126 -1.41 11.66 -11.15
CA ALA B 126 -0.18 11.90 -10.37
C ALA B 126 0.81 10.71 -10.35
N THR B 127 0.27 9.50 -10.27
CA THR B 127 1.09 8.28 -10.38
C THR B 127 1.77 8.21 -11.76
N SER B 128 1.02 8.55 -12.78
CA SER B 128 1.51 8.59 -14.15
CA SER B 128 1.54 8.58 -14.14
C SER B 128 2.63 9.64 -14.31
N SER B 129 2.44 10.79 -13.68
CA SER B 129 3.46 11.84 -13.70
C SER B 129 4.72 11.30 -13.08
N ARG B 130 4.55 10.60 -11.95
CA ARG B 130 5.64 9.97 -11.21
C ARG B 130 6.39 8.89 -12.03
N PHE B 131 5.67 8.11 -12.84
CA PHE B 131 6.31 7.16 -13.73
C PHE B 131 7.18 7.89 -14.74
N ARG B 132 6.70 9.05 -15.13
CA ARG B 132 7.32 9.87 -16.16
C ARG B 132 8.54 10.58 -15.57
N MET B 133 8.42 11.06 -14.34
CA MET B 133 9.57 11.69 -13.70
C MET B 133 10.68 10.64 -13.53
N MET B 134 10.28 9.39 -13.28
CA MET B 134 11.24 8.31 -13.06
C MET B 134 11.74 7.70 -14.37
N ASN B 135 11.17 8.12 -15.50
CA ASN B 135 11.43 7.47 -16.77
C ASN B 135 11.18 5.96 -16.64
N LEU B 136 10.00 5.58 -16.16
CA LEU B 136 9.70 4.17 -15.95
C LEU B 136 9.83 3.36 -17.23
N GLN B 137 10.49 2.21 -17.14
CA GLN B 137 10.72 1.36 -18.32
C GLN B 137 9.69 0.24 -18.45
N GLY B 138 9.47 -0.25 -19.67
CA GLY B 138 8.56 -1.35 -19.87
C GLY B 138 8.97 -2.61 -19.10
N GLU B 139 10.26 -2.93 -19.15
CA GLU B 139 10.81 -4.05 -18.39
C GLU B 139 10.58 -3.90 -16.89
N GLU B 140 10.61 -2.65 -16.41
CA GLU B 140 10.37 -2.40 -15.00
C GLU B 140 8.88 -2.52 -14.69
N PHE B 141 8.07 -2.03 -15.63
CA PHE B 141 6.62 -2.08 -15.48
C PHE B 141 6.13 -3.49 -15.24
N VAL B 142 6.55 -4.42 -16.11
CA VAL B 142 6.03 -5.79 -16.04
C VAL B 142 6.48 -6.53 -14.78
N CYS B 143 7.68 -6.24 -14.28
CA CYS B 143 8.10 -6.74 -12.97
C CYS B 143 7.19 -6.18 -11.86
N LEU B 144 6.97 -4.86 -11.86
CA LEU B 144 6.13 -4.24 -10.83
C LEU B 144 4.75 -4.85 -10.76
N LYS B 145 4.17 -5.08 -11.93
CA LYS B 145 2.85 -5.65 -12.05
C LYS B 145 2.81 -7.10 -11.56
N SER B 146 3.86 -7.87 -11.87
CA SER B 146 3.95 -9.25 -11.41
C SER B 146 4.10 -9.28 -9.89
N ILE B 147 4.87 -8.33 -9.37
CA ILE B 147 5.04 -8.20 -7.92
C ILE B 147 3.71 -7.96 -7.21
N ILE B 148 2.87 -7.09 -7.77
CA ILE B 148 1.55 -6.81 -7.20
C ILE B 148 0.67 -8.08 -7.10
N LEU B 149 0.62 -8.84 -8.20
CA LEU B 149 -0.13 -10.08 -8.22
C LEU B 149 0.26 -11.05 -7.08
N LEU B 150 1.57 -11.29 -6.97
CA LEU B 150 2.13 -12.18 -5.95
C LEU B 150 2.13 -11.57 -4.54
N ASN B 151 2.22 -10.25 -4.43
CA ASN B 151 2.36 -9.67 -3.09
C ASN B 151 1.06 -9.24 -2.38
N SER B 152 0.19 -8.53 -3.09
CA SER B 152 -0.93 -7.86 -2.41
C SER B 152 -1.73 -8.74 -1.42
N GLY B 153 -2.04 -9.98 -1.79
CA GLY B 153 -2.74 -10.86 -0.88
C GLY B 153 -1.92 -11.95 -0.19
N VAL B 154 -0.60 -11.84 -0.22
CA VAL B 154 0.28 -12.94 0.18
C VAL B 154 0.33 -13.23 1.69
N TYR B 155 0.19 -12.20 2.52
CA TYR B 155 0.24 -12.36 3.98
C TYR B 155 -0.88 -13.23 4.53
N THR B 156 -2.05 -13.15 3.93
CA THR B 156 -3.15 -14.05 4.27
C THR B 156 -2.68 -15.52 4.33
N GLU B 167 8.22 -24.08 2.09
CA GLU B 167 7.34 -24.12 3.26
C GLU B 167 6.55 -22.82 3.34
N LYS B 168 5.49 -22.72 2.54
CA LYS B 168 4.74 -21.48 2.37
C LYS B 168 5.68 -20.32 2.02
N ASP B 169 6.90 -20.70 1.65
CA ASP B 169 8.00 -19.78 1.46
C ASP B 169 8.38 -19.72 -0.04
N HIS B 170 7.65 -20.50 -0.84
CA HIS B 170 7.87 -20.57 -2.28
C HIS B 170 7.50 -19.28 -2.99
N ILE B 171 6.36 -18.69 -2.62
CA ILE B 171 5.92 -17.46 -3.25
C ILE B 171 6.91 -16.33 -2.97
N HIS B 172 7.49 -16.35 -1.77
CA HIS B 172 8.50 -15.36 -1.40
C HIS B 172 9.81 -15.52 -2.20
N ARG B 173 10.14 -16.75 -2.57
CA ARG B 173 11.27 -17.03 -3.46
C ARG B 173 11.05 -16.46 -4.85
N VAL B 174 9.84 -16.61 -5.37
CA VAL B 174 9.46 -16.03 -6.65
C VAL B 174 9.56 -14.51 -6.60
N LEU B 175 9.13 -13.92 -5.49
CA LEU B 175 9.23 -12.48 -5.35
C LEU B 175 10.69 -12.04 -5.36
N ASP B 176 11.52 -12.74 -4.60
CA ASP B 176 12.96 -12.48 -4.61
C ASP B 176 13.53 -12.52 -6.03
N LYS B 177 13.14 -13.54 -6.80
CA LYS B 177 13.59 -13.69 -8.19
C LYS B 177 13.19 -12.47 -8.99
N ILE B 178 12.01 -11.92 -8.71
CA ILE B 178 11.59 -10.74 -9.44
C ILE B 178 12.37 -9.48 -9.02
N THR B 179 12.75 -9.39 -7.75
CA THR B 179 13.61 -8.30 -7.30
C THR B 179 14.96 -8.39 -7.98
N ASP B 180 15.49 -9.62 -8.04
CA ASP B 180 16.71 -9.90 -8.79
C ASP B 180 16.60 -9.42 -10.22
N THR B 181 15.42 -9.56 -10.80
CA THR B 181 15.21 -9.17 -12.18
C THR B 181 15.24 -7.65 -12.34
N LEU B 182 14.49 -6.94 -11.48
CA LEU B 182 14.51 -5.48 -11.45
C LEU B 182 15.94 -4.97 -11.33
N ILE B 183 16.71 -5.56 -10.41
CA ILE B 183 18.11 -5.18 -10.23
C ILE B 183 18.97 -5.49 -11.47
N HIS B 184 18.76 -6.66 -12.06
CA HIS B 184 19.45 -7.00 -13.32
C HIS B 184 19.23 -5.90 -14.35
N LEU B 185 17.97 -5.47 -14.51
CA LEU B 185 17.61 -4.43 -15.47
C LEU B 185 18.39 -3.14 -15.21
N MET B 186 18.58 -2.82 -13.94
CA MET B 186 19.18 -1.56 -13.57
C MET B 186 20.67 -1.62 -13.81
N ALA B 187 21.30 -2.72 -13.39
CA ALA B 187 22.72 -2.94 -13.60
C ALA B 187 23.01 -2.80 -15.10
N LYS B 188 22.25 -3.54 -15.89
CA LYS B 188 22.26 -3.45 -17.35
C LYS B 188 22.17 -2.03 -17.86
N ALA B 189 21.39 -1.18 -17.20
CA ALA B 189 21.23 0.18 -17.68
C ALA B 189 22.41 1.05 -17.27
N GLY B 190 23.38 0.44 -16.59
CA GLY B 190 24.58 1.15 -16.17
C GLY B 190 24.48 1.89 -14.84
N LEU B 191 23.45 1.60 -14.06
CA LEU B 191 23.29 2.25 -12.77
C LEU B 191 24.33 1.75 -11.76
N THR B 192 24.81 2.63 -10.89
CA THR B 192 25.68 2.19 -9.83
C THR B 192 24.89 1.40 -8.80
N LEU B 193 25.61 0.78 -7.87
CA LEU B 193 25.00 -0.01 -6.82
C LEU B 193 24.04 0.83 -5.97
N GLN B 194 24.50 2.01 -5.56
CA GLN B 194 23.71 2.93 -4.77
C GLN B 194 22.48 3.44 -5.52
N GLN B 195 22.58 3.50 -6.85
CA GLN B 195 21.49 3.96 -7.70
C GLN B 195 20.45 2.87 -7.97
N GLN B 196 20.92 1.63 -8.10
CA GLN B 196 20.06 0.48 -8.22
C GLN B 196 19.18 0.40 -6.97
N HIS B 197 19.79 0.51 -5.80
CA HIS B 197 19.09 0.32 -4.54
C HIS B 197 18.01 1.39 -4.35
N GLN B 198 18.38 2.64 -4.56
CA GLN B 198 17.47 3.77 -4.43
C GLN B 198 16.33 3.73 -5.44
N ARG B 199 16.62 3.29 -6.66
CA ARG B 199 15.60 3.18 -7.69
C ARG B 199 14.66 2.01 -7.40
N LEU B 200 15.22 0.90 -6.95
CA LEU B 200 14.42 -0.22 -6.51
C LEU B 200 13.45 0.21 -5.39
N ALA B 201 13.93 0.97 -4.42
CA ALA B 201 13.07 1.48 -3.36
C ALA B 201 12.02 2.40 -3.96
N GLN B 202 12.46 3.37 -4.77
CA GLN B 202 11.56 4.30 -5.41
C GLN B 202 10.42 3.57 -6.11
N LEU B 203 10.78 2.54 -6.88
CA LEU B 203 9.79 1.79 -7.63
C LEU B 203 8.75 1.14 -6.72
N LEU B 204 9.22 0.47 -5.67
CA LEU B 204 8.34 -0.29 -4.81
C LEU B 204 7.42 0.58 -3.94
N LEU B 205 7.86 1.79 -3.59
CA LEU B 205 7.02 2.68 -2.77
C LEU B 205 5.80 3.13 -3.57
N ILE B 206 5.92 3.10 -4.89
CA ILE B 206 4.79 3.39 -5.76
C ILE B 206 3.65 2.41 -5.47
N LEU B 207 4.01 1.15 -5.25
CA LEU B 207 3.01 0.10 -5.00
C LEU B 207 2.14 0.40 -3.76
N SER B 208 2.65 1.24 -2.86
CA SER B 208 1.84 1.70 -1.74
C SER B 208 0.77 2.70 -2.21
N HIS B 209 1.14 3.56 -3.15
CA HIS B 209 0.17 4.48 -3.73
C HIS B 209 -0.83 3.72 -4.61
N ILE B 210 -0.36 2.68 -5.31
CA ILE B 210 -1.27 1.89 -6.12
C ILE B 210 -2.30 1.12 -5.28
N ARG B 211 -1.85 0.57 -4.15
CA ARG B 211 -2.78 -0.05 -3.21
C ARG B 211 -3.87 0.92 -2.74
N HIS B 212 -3.45 2.14 -2.43
CA HIS B 212 -4.35 3.20 -1.96
C HIS B 212 -5.38 3.53 -3.05
N MET B 213 -4.92 3.64 -4.29
CA MET B 213 -5.84 4.00 -5.36
C MET B 213 -6.86 2.90 -5.58
N SER B 214 -6.41 1.65 -5.48
CA SER B 214 -7.30 0.51 -5.59
C SER B 214 -8.34 0.47 -4.49
N ASN B 215 -7.93 0.69 -3.25
CA ASN B 215 -8.91 0.75 -2.18
C ASN B 215 -9.95 1.84 -2.41
N LYS B 216 -9.51 3.01 -2.88
CA LYS B 216 -10.43 4.10 -3.17
C LYS B 216 -11.30 3.74 -4.38
N GLY B 217 -10.68 3.18 -5.41
CA GLY B 217 -11.42 2.75 -6.58
C GLY B 217 -12.48 1.74 -6.20
N MET B 218 -12.14 0.82 -5.29
CA MET B 218 -13.07 -0.23 -4.89
C MET B 218 -14.30 0.39 -4.21
N GLU B 219 -14.07 1.33 -3.28
CA GLU B 219 -15.20 1.99 -2.62
C GLU B 219 -16.14 2.68 -3.61
N HIS B 220 -15.56 3.37 -4.57
CA HIS B 220 -16.32 4.17 -5.52
C HIS B 220 -17.12 3.25 -6.42
N LEU B 221 -16.46 2.19 -6.88
CA LEU B 221 -17.11 1.19 -7.71
C LEU B 221 -18.29 0.60 -6.94
N TYR B 222 -18.10 0.40 -5.64
CA TYR B 222 -19.13 -0.24 -4.85
C TYR B 222 -20.30 0.70 -4.59
N SER B 223 -20.02 1.98 -4.39
CA SER B 223 -21.09 2.97 -4.25
C SER B 223 -21.83 3.17 -5.58
N MET B 224 -21.18 2.80 -6.68
CA MET B 224 -21.82 2.88 -7.98
C MET B 224 -22.74 1.68 -8.20
N LYS B 225 -22.34 0.52 -7.69
CA LYS B 225 -23.19 -0.65 -7.76
C LYS B 225 -24.55 -0.41 -7.07
N CYS B 226 -24.50 0.26 -5.92
CA CYS B 226 -25.70 0.52 -5.13
C CYS B 226 -26.62 1.53 -5.79
N LYS B 227 -26.12 2.75 -6.03
CA LYS B 227 -26.90 3.79 -6.67
C LYS B 227 -27.50 3.32 -8.00
N ASN B 228 -26.74 2.52 -8.74
CA ASN B 228 -27.24 1.75 -9.89
C ASN B 228 -27.14 2.47 -11.24
N VAL B 229 -26.28 3.47 -11.34
CA VAL B 229 -26.10 4.21 -12.59
C VAL B 229 -25.95 3.25 -13.78
N VAL B 230 -25.37 2.08 -13.54
CA VAL B 230 -25.07 1.15 -14.64
C VAL B 230 -24.89 -0.29 -14.16
N PRO B 231 -25.28 -1.25 -15.01
CA PRO B 231 -25.16 -2.68 -14.77
C PRO B 231 -23.71 -3.13 -14.81
N LEU B 232 -23.30 -3.94 -13.84
CA LEU B 232 -21.96 -4.50 -13.82
C LEU B 232 -22.01 -5.99 -14.16
N SER B 233 -20.97 -6.50 -14.82
CA SER B 233 -20.95 -7.91 -15.17
C SER B 233 -20.89 -8.78 -13.92
N ASP B 234 -21.28 -10.04 -14.06
CA ASP B 234 -21.25 -10.95 -12.92
C ASP B 234 -19.84 -11.09 -12.37
N LEU B 235 -18.89 -11.20 -13.28
CA LEU B 235 -17.49 -11.33 -12.92
C LEU B 235 -17.12 -10.13 -12.05
N LEU B 236 -17.45 -8.95 -12.55
CA LEU B 236 -17.13 -7.70 -11.88
C LEU B 236 -17.72 -7.67 -10.45
N LEU B 237 -18.97 -8.14 -10.34
CA LEU B 237 -19.67 -8.12 -9.06
C LEU B 237 -19.02 -9.02 -8.03
N GLU B 238 -18.57 -10.18 -8.48
CA GLU B 238 -17.89 -11.11 -7.59
C GLU B 238 -16.50 -10.60 -7.25
N MET B 239 -15.79 -10.05 -8.25
CA MET B 239 -14.49 -9.43 -7.97
C MET B 239 -14.67 -8.30 -6.97
N LEU B 240 -15.75 -7.56 -7.11
CA LEU B 240 -16.06 -6.47 -6.19
C LEU B 240 -16.41 -7.02 -4.81
N ASP B 241 -17.28 -8.01 -4.77
CA ASP B 241 -17.76 -8.51 -3.49
C ASP B 241 -16.72 -9.26 -2.65
N ALA B 242 -15.60 -9.65 -3.26
CA ALA B 242 -14.49 -10.24 -2.49
C ALA B 242 -13.89 -9.22 -1.53
N HIS B 243 -14.10 -7.93 -1.83
CA HIS B 243 -13.56 -6.85 -1.01
C HIS B 243 -14.59 -6.32 -0.01
N ARG B 244 -15.87 -6.54 -0.28
CA ARG B 244 -16.95 -6.15 0.64
C ARG B 244 -17.05 -7.18 1.75
N LYS C 1 -7.13 24.11 11.72
CA LYS C 1 -6.99 22.68 12.05
C LYS C 1 -6.09 22.51 13.27
N ILE C 2 -6.53 21.66 14.20
CA ILE C 2 -5.80 21.35 15.42
C ILE C 2 -4.36 20.90 15.15
N LEU C 3 -4.19 20.00 14.18
CA LEU C 3 -2.86 19.51 13.80
C LEU C 3 -1.93 20.66 13.38
N HIS C 4 -2.46 21.60 12.60
CA HIS C 4 -1.71 22.77 12.13
C HIS C 4 -1.20 23.58 13.33
N ARG C 5 -2.05 23.79 14.32
CA ARG C 5 -1.65 24.45 15.57
C ARG C 5 -0.72 23.58 16.39
N LEU C 6 -0.99 22.27 16.42
CA LEU C 6 -0.18 21.33 17.19
C LEU C 6 1.23 21.24 16.62
N LEU C 7 1.36 21.31 15.29
CA LEU C 7 2.67 21.24 14.65
C LEU C 7 3.57 22.45 14.96
N GLN C 8 3.00 23.54 15.43
CA GLN C 8 3.81 24.72 15.76
C GLN C 8 4.33 24.68 17.21
N ASP C 9 3.43 24.41 18.14
CA ASP C 9 3.79 24.40 19.56
C ASP C 9 5.01 23.54 19.88
N LYS D 1 -17.24 -19.74 -8.37
CA LYS D 1 -17.04 -18.39 -8.83
C LYS D 1 -16.68 -18.44 -10.27
N ILE D 2 -17.12 -17.46 -11.04
CA ILE D 2 -16.66 -17.25 -12.40
C ILE D 2 -15.16 -17.24 -12.52
N LEU D 3 -14.47 -16.59 -11.60
CA LEU D 3 -13.05 -16.54 -11.60
C LEU D 3 -12.47 -17.94 -11.51
N HIS D 4 -13.00 -18.78 -10.63
CA HIS D 4 -12.63 -20.18 -10.62
C HIS D 4 -12.65 -20.77 -12.01
N ARG D 5 -13.72 -20.51 -12.75
CA ARG D 5 -13.87 -21.11 -14.04
C ARG D 5 -12.91 -20.55 -15.05
N LEU D 6 -12.69 -19.26 -15.06
CA LEU D 6 -11.71 -18.63 -15.91
C LEU D 6 -10.36 -19.24 -15.69
N LEU D 7 -10.01 -19.38 -14.44
CA LEU D 7 -8.69 -19.92 -14.15
C LEU D 7 -8.49 -21.33 -14.71
N GLN D 8 -9.48 -22.19 -14.52
CA GLN D 8 -9.44 -23.53 -15.10
C GLN D 8 -9.48 -23.53 -16.64
N ASP D 9 -10.29 -22.65 -17.21
CA ASP D 9 -10.41 -22.55 -18.67
C ASP D 9 -9.20 -21.84 -19.28
#